data_1HHX
#
_entry.id   1HHX
#
_cell.length_a   1.000
_cell.length_b   1.000
_cell.length_c   1.000
_cell.angle_alpha   90.00
_cell.angle_beta   90.00
_cell.angle_gamma   90.00
#
_symmetry.space_group_name_H-M   'P 1'
#
loop_
_entity.id
_entity.type
_entity.pdbx_description
1 polymer '5- D(*CP*+TP*GP*AP*+TP*AP*+TP*GP*C) -3'
2 polymer '5- R(*GP*CP*AP*UP*AP*UP*CP*AP*G) -3'
#
loop_
_entity_poly.entity_id
_entity_poly.type
_entity_poly.pdbx_seq_one_letter_code
_entity_poly.pdbx_strand_id
1 'polydeoxyribonucleotide/polyribonucleotide hybrid' (DC)(TLN)(DG)(DA)(TLN)(DA)(TLN)(DG)(DC) A
2 'polyribonucleotide' GCAUAUCAG B
#